data_7OC3
#
_entry.id   7OC3
#
_cell.length_a   74.800
_cell.length_b   74.800
_cell.length_c   165.092
_cell.angle_alpha   90.000
_cell.angle_beta   90.000
_cell.angle_gamma   120.000
#
_symmetry.space_group_name_H-M   'P 31 2 1'
#
loop_
_entity.id
_entity.type
_entity.pdbx_description
1 polymer Qin
2 non-polymer 'PHOSPHATE ION'
3 water water
#
_entity_poly.entity_id   1
_entity_poly.type   'polypeptide(L)'
_entity_poly.pdbx_seq_one_letter_code
;NKRTTVNILYVRKPDEFYVTLPHFQKAINNLQKSVQKAAAA(MSE)YQN(MSE)LPRTDWQVGD(MSE)CYARVQANCDS
QALWYRGVVTGVIPPGITCPIVRYQVHLRDLGELIDDVHSSSLANIDEAD(MSE)RISSSAKRCHLHGIRPIGDEWSKDA
IDFF(MSE)DQLKAYNEIHVTGRGRTENSLSVILWGSLSILTGPFSPATIKYVNINKALL(MSE)AG(MSE)AEKDHNSD
;
_entity_poly.pdbx_strand_id   A,B
#
loop_
_chem_comp.id
_chem_comp.type
_chem_comp.name
_chem_comp.formula
PO4 non-polymer 'PHOSPHATE ION' 'O4 P -3'
#
# COMPACT_ATOMS: atom_id res chain seq x y z
N ASN A 1 -28.31 -25.08 2.04
CA ASN A 1 -29.46 -24.34 2.53
C ASN A 1 -29.06 -23.26 3.52
N LYS A 2 -28.68 -23.69 4.73
CA LYS A 2 -28.30 -22.75 5.78
C LYS A 2 -26.98 -22.05 5.50
N ARG A 3 -26.08 -22.76 4.81
CA ARG A 3 -24.76 -22.26 4.50
C ARG A 3 -24.41 -22.35 3.01
N THR A 4 -23.80 -21.29 2.48
CA THR A 4 -23.32 -21.29 1.10
C THR A 4 -21.80 -21.14 1.07
N THR A 5 -21.13 -22.06 0.40
CA THR A 5 -19.68 -22.05 0.33
C THR A 5 -19.18 -20.90 -0.55
N VAL A 6 -18.07 -20.28 -0.16
CA VAL A 6 -17.51 -19.18 -0.94
C VAL A 6 -16.00 -19.25 -1.04
N ASN A 7 -15.48 -18.59 -2.06
CA ASN A 7 -14.05 -18.39 -2.19
C ASN A 7 -13.73 -16.95 -1.80
N ILE A 8 -12.72 -16.77 -0.97
CA ILE A 8 -12.31 -15.44 -0.56
C ILE A 8 -11.38 -14.79 -1.59
N LEU A 9 -11.88 -13.76 -2.26
CA LEU A 9 -11.08 -13.06 -3.26
C LEU A 9 -10.09 -12.09 -2.63
N TYR A 10 -10.56 -11.27 -1.70
CA TYR A 10 -9.69 -10.26 -1.10
C TYR A 10 -10.23 -9.81 0.26
N VAL A 11 -9.32 -9.58 1.19
CA VAL A 11 -9.71 -9.10 2.52
C VAL A 11 -9.06 -7.77 2.86
N ARG A 12 -9.89 -6.78 3.17
CA ARG A 12 -9.35 -5.51 3.63
C ARG A 12 -9.46 -5.44 5.15
N LYS A 13 -10.68 -5.65 5.64
CA LYS A 13 -11.01 -5.58 7.06
C LYS A 13 -12.17 -6.54 7.33
N PRO A 14 -12.43 -6.87 8.62
CA PRO A 14 -13.60 -7.68 8.93
C PRO A 14 -14.91 -7.06 8.46
N ASP A 15 -14.98 -5.73 8.33
CA ASP A 15 -16.19 -5.12 7.81
C ASP A 15 -16.11 -4.84 6.31
N GLU A 16 -15.05 -5.29 5.65
CA GLU A 16 -14.96 -5.20 4.18
C GLU A 16 -14.09 -6.30 3.58
N PHE A 17 -14.73 -7.30 3.00
CA PHE A 17 -13.99 -8.33 2.28
C PHE A 17 -14.84 -8.83 1.12
N TYR A 18 -14.19 -9.51 0.16
CA TYR A 18 -14.85 -9.83 -1.10
C TYR A 18 -14.78 -11.30 -1.44
N VAL A 19 -15.91 -11.84 -1.90
CA VAL A 19 -16.01 -13.28 -2.16
C VAL A 19 -16.64 -13.56 -3.51
N THR A 20 -16.54 -14.82 -3.95
CA THR A 20 -17.30 -15.30 -5.10
C THR A 20 -17.79 -16.74 -4.90
N LEU A 21 -18.88 -17.09 -5.58
CA LEU A 21 -19.33 -18.47 -5.58
C LEU A 21 -18.30 -19.33 -6.29
N PRO A 22 -17.99 -20.51 -5.73
CA PRO A 22 -16.90 -21.36 -6.25
C PRO A 22 -17.13 -21.80 -7.71
N HIS A 23 -18.38 -22.08 -8.08
CA HIS A 23 -18.66 -22.53 -9.44
C HIS A 23 -18.46 -21.42 -10.47
N PHE A 24 -18.52 -20.18 -10.01
CA PHE A 24 -18.32 -19.02 -10.88
C PHE A 24 -16.84 -18.74 -11.17
N GLN A 25 -15.94 -19.48 -10.52
CA GLN A 25 -14.52 -19.16 -10.53
C GLN A 25 -13.91 -19.12 -11.93
N LYS A 26 -14.30 -20.05 -12.78
CA LYS A 26 -13.71 -20.13 -14.11
C LYS A 26 -14.14 -18.96 -14.99
N ALA A 27 -15.41 -18.60 -14.89
CA ALA A 27 -15.95 -17.48 -15.65
C ALA A 27 -15.25 -16.19 -15.25
N ILE A 28 -14.87 -16.08 -13.97
CA ILE A 28 -14.10 -14.93 -13.50
C ILE A 28 -12.75 -14.91 -14.17
N ASN A 29 -12.12 -16.08 -14.26
CA ASN A 29 -10.82 -16.20 -14.91
C ASN A 29 -10.90 -15.83 -16.39
N ASN A 30 -11.96 -16.29 -17.05
CA ASN A 30 -12.17 -16.00 -18.46
C ASN A 30 -12.37 -14.50 -18.66
N LEU A 31 -13.10 -13.89 -17.75
CA LEU A 31 -13.33 -12.45 -17.81
C LEU A 31 -12.04 -11.67 -17.67
N GLN A 32 -11.15 -12.11 -16.78
CA GLN A 32 -9.87 -11.45 -16.54
C GLN A 32 -8.93 -11.46 -17.76
N LYS A 33 -8.88 -12.58 -18.49
CA LYS A 33 -7.99 -12.67 -19.64
C LYS A 33 -8.64 -12.07 -20.87
N SER A 34 -9.96 -12.00 -20.84
CA SER A 34 -10.72 -11.22 -21.82
C SER A 34 -10.50 -9.73 -21.62
N VAL A 35 -10.34 -9.32 -20.37
CA VAL A 35 -10.12 -7.93 -20.03
C VAL A 35 -8.75 -7.44 -20.51
N GLN A 36 -7.75 -8.31 -20.46
CA GLN A 36 -6.40 -7.96 -20.92
C GLN A 36 -6.40 -7.53 -22.39
N LYS A 37 -7.09 -8.29 -23.23
CA LYS A 37 -7.15 -7.97 -24.65
C LYS A 37 -7.83 -6.63 -24.89
N ALA A 38 -9.02 -6.46 -24.32
CA ALA A 38 -9.81 -5.24 -24.54
C ALA A 38 -9.09 -3.99 -24.03
N ALA A 39 -8.45 -4.10 -22.87
CA ALA A 39 -7.75 -2.97 -22.27
C ALA A 39 -6.51 -2.59 -23.07
N ALA A 40 -5.74 -3.59 -23.50
CA ALA A 40 -4.51 -3.33 -24.25
C ALA A 40 -4.78 -2.60 -25.56
N ALA A 41 -5.84 -3.01 -26.26
CA ALA A 41 -6.25 -2.34 -27.49
C ALA A 41 -6.64 -0.90 -27.20
N MSE A 42 -7.43 -0.72 -26.15
CA MSE A 42 -7.86 0.61 -25.71
C MSE A 42 -6.70 1.53 -25.47
O MSE A 42 -6.70 2.67 -25.94
CB MSE A 42 -8.71 0.50 -24.44
CG MSE A 42 -10.17 0.26 -24.70
SE MSE A 42 -10.99 1.79 -25.57
CE MSE A 42 -12.71 0.98 -25.99
N TYR A 43 -5.69 1.05 -24.74
CA TYR A 43 -4.57 1.89 -24.32
C TYR A 43 -3.86 2.55 -25.49
N GLN A 44 -3.42 1.75 -26.46
CA GLN A 44 -2.66 2.29 -27.59
C GLN A 44 -3.51 3.02 -28.62
N ASN A 45 -4.77 2.60 -28.79
CA ASN A 45 -5.68 3.27 -29.70
C ASN A 45 -6.23 4.62 -29.22
N MSE A 46 -6.50 4.74 -27.93
CA MSE A 46 -7.13 5.93 -27.38
C MSE A 46 -6.25 7.17 -27.50
O MSE A 46 -5.03 7.07 -27.65
CB MSE A 46 -7.49 5.73 -25.90
CG MSE A 46 -6.26 5.71 -24.99
SE MSE A 46 -6.65 5.33 -23.11
CE MSE A 46 -7.48 7.02 -22.58
N LEU A 47 -6.89 8.33 -27.44
CA LEU A 47 -6.17 9.59 -27.29
C LEU A 47 -5.72 9.70 -25.83
N PRO A 48 -4.58 10.34 -25.58
CA PRO A 48 -4.13 10.55 -24.20
C PRO A 48 -5.21 11.25 -23.37
N ARG A 49 -5.35 10.87 -22.11
CA ARG A 49 -6.37 11.50 -21.27
C ARG A 49 -5.84 11.79 -19.87
N THR A 50 -6.19 12.96 -19.33
CA THR A 50 -5.70 13.41 -18.03
C THR A 50 -6.79 13.93 -17.11
N ASP A 51 -8.04 13.89 -17.57
CA ASP A 51 -9.14 14.55 -16.87
C ASP A 51 -9.85 13.68 -15.85
N TRP A 52 -9.25 12.54 -15.50
CA TRP A 52 -9.89 11.55 -14.62
C TRP A 52 -10.40 12.12 -13.29
N GLN A 53 -11.64 11.78 -12.93
CA GLN A 53 -12.25 12.27 -11.69
C GLN A 53 -12.92 11.12 -10.93
N VAL A 54 -13.23 11.35 -9.65
CA VAL A 54 -13.91 10.35 -8.82
C VAL A 54 -15.21 9.89 -9.48
N GLY A 55 -15.47 8.57 -9.40
CA GLY A 55 -16.64 7.96 -9.99
C GLY A 55 -16.50 7.56 -11.44
N ASP A 56 -15.31 7.76 -12.00
CA ASP A 56 -15.04 7.43 -13.41
C ASP A 56 -14.69 5.95 -13.54
N MSE A 57 -15.34 5.26 -14.48
CA MSE A 57 -14.98 3.87 -14.74
C MSE A 57 -13.81 3.81 -15.71
O MSE A 57 -13.55 4.77 -16.45
CB MSE A 57 -16.20 3.11 -15.27
CG MSE A 57 -17.35 3.15 -14.28
SE MSE A 57 -18.62 1.72 -14.45
CE MSE A 57 -19.80 2.20 -12.96
N CYS A 58 -13.08 2.70 -15.67
CA CYS A 58 -11.79 2.64 -16.36
C CYS A 58 -11.15 1.27 -16.35
N TYR A 59 -10.03 1.17 -17.05
CA TYR A 59 -9.13 0.03 -16.94
C TYR A 59 -7.88 0.57 -16.23
N ALA A 60 -7.30 -0.20 -15.33
CA ALA A 60 -6.06 0.22 -14.70
C ALA A 60 -4.99 -0.87 -14.83
N ARG A 61 -3.79 -0.48 -15.26
CA ARG A 61 -2.66 -1.39 -15.30
C ARG A 61 -1.91 -1.30 -13.99
N VAL A 62 -2.20 -2.22 -13.07
CA VAL A 62 -1.67 -2.16 -11.71
C VAL A 62 -1.26 -3.54 -11.20
N GLN A 63 -0.40 -3.55 -10.20
CA GLN A 63 0.01 -4.78 -9.53
C GLN A 63 -0.85 -5.03 -8.29
N ALA A 64 -1.76 -6.00 -8.38
CA ALA A 64 -2.64 -6.30 -7.26
C ALA A 64 -1.94 -7.16 -6.23
N ASN A 65 -2.66 -7.47 -5.17
CA ASN A 65 -2.12 -8.14 -3.98
C ASN A 65 -1.24 -9.35 -4.30
N CYS A 66 -1.77 -10.30 -5.08
CA CYS A 66 -1.03 -11.52 -5.35
C CYS A 66 -0.43 -11.57 -6.76
N ASP A 67 -0.23 -10.40 -7.37
CA ASP A 67 0.37 -10.29 -8.71
C ASP A 67 1.88 -10.04 -8.64
N SER A 68 2.66 -10.84 -9.36
CA SER A 68 4.12 -10.65 -9.52
C SER A 68 4.45 -9.54 -10.53
N GLN A 69 3.60 -9.44 -11.56
CA GLN A 69 3.67 -8.48 -12.68
C GLN A 69 2.44 -7.57 -12.65
N ALA A 70 2.54 -6.36 -13.18
CA ALA A 70 1.34 -5.51 -13.34
C ALA A 70 0.39 -6.05 -14.45
N LEU A 71 -0.91 -5.97 -14.21
CA LEU A 71 -1.92 -6.46 -15.17
C LEU A 71 -3.11 -5.51 -15.28
N TRP A 72 -3.91 -5.65 -16.32
CA TRP A 72 -5.08 -4.79 -16.47
C TRP A 72 -6.27 -5.26 -15.64
N TYR A 73 -6.99 -4.31 -15.05
CA TYR A 73 -8.16 -4.60 -14.23
C TYR A 73 -9.27 -3.60 -14.52
N ARG A 74 -10.52 -4.05 -14.44
CA ARG A 74 -11.64 -3.12 -14.50
C ARG A 74 -11.64 -2.32 -13.19
N GLY A 75 -11.80 -1.01 -13.29
CA GLY A 75 -11.70 -0.19 -12.09
C GLY A 75 -12.64 1.01 -12.04
N VAL A 76 -12.78 1.56 -10.84
CA VAL A 76 -13.48 2.82 -10.65
C VAL A 76 -12.59 3.76 -9.86
N VAL A 77 -12.46 4.99 -10.36
CA VAL A 77 -11.65 6.00 -9.71
C VAL A 77 -12.30 6.45 -8.41
N THR A 78 -11.67 6.13 -7.29
CA THR A 78 -12.23 6.48 -5.98
C THR A 78 -11.63 7.75 -5.38
N GLY A 79 -10.40 8.09 -5.76
CA GLY A 79 -9.76 9.28 -5.23
C GLY A 79 -8.77 9.94 -6.17
N VAL A 80 -8.57 11.24 -5.97
CA VAL A 80 -7.60 11.99 -6.75
C VAL A 80 -6.50 12.50 -5.81
N ILE A 81 -5.26 12.14 -6.11
CA ILE A 81 -4.15 12.50 -5.25
C ILE A 81 -3.33 13.64 -5.88
N PRO A 82 -3.43 14.84 -5.30
CA PRO A 82 -2.79 16.02 -5.88
C PRO A 82 -1.28 15.89 -5.87
N PRO A 83 -0.59 16.62 -6.75
CA PRO A 83 0.88 16.58 -6.77
C PRO A 83 1.45 16.93 -5.40
N GLY A 84 2.60 16.34 -5.08
CA GLY A 84 3.24 16.60 -3.80
C GLY A 84 4.71 16.84 -4.00
N ILE A 85 5.41 17.14 -2.91
CA ILE A 85 6.83 17.45 -2.97
C ILE A 85 7.66 16.27 -3.47
N THR A 86 7.29 15.07 -3.05
CA THR A 86 7.95 13.85 -3.49
C THR A 86 7.56 13.44 -4.92
N CYS A 87 6.30 13.69 -5.28
CA CYS A 87 5.80 13.31 -6.60
C CYS A 87 4.96 14.42 -7.24
N PRO A 88 5.52 15.09 -8.27
CA PRO A 88 4.95 16.30 -8.85
C PRO A 88 3.86 16.04 -9.89
N ILE A 89 3.27 14.85 -9.90
CA ILE A 89 2.19 14.52 -10.84
C ILE A 89 0.91 14.20 -10.09
N VAL A 90 -0.23 14.50 -10.68
CA VAL A 90 -1.50 14.03 -10.14
C VAL A 90 -1.54 12.51 -10.27
N ARG A 91 -2.08 11.85 -9.25
CA ARG A 91 -2.23 10.40 -9.26
C ARG A 91 -3.63 10.05 -8.80
N TYR A 92 -4.00 8.78 -8.92
CA TYR A 92 -5.34 8.37 -8.55
C TYR A 92 -5.39 7.09 -7.71
N GLN A 93 -6.48 6.93 -6.98
CA GLN A 93 -6.75 5.70 -6.23
C GLN A 93 -7.84 4.93 -6.96
N VAL A 94 -7.59 3.65 -7.25
CA VAL A 94 -8.55 2.89 -8.04
C VAL A 94 -9.08 1.67 -7.30
N HIS A 95 -10.39 1.48 -7.36
CA HIS A 95 -11.02 0.29 -6.80
C HIS A 95 -11.16 -0.76 -7.91
N LEU A 96 -10.60 -1.95 -7.68
CA LEU A 96 -10.67 -3.01 -8.68
C LEU A 96 -11.95 -3.83 -8.51
N ARG A 97 -12.86 -3.66 -9.47
CA ARG A 97 -14.19 -4.26 -9.39
C ARG A 97 -14.22 -5.79 -9.34
N ASP A 98 -13.26 -6.43 -9.98
CA ASP A 98 -13.21 -7.90 -10.02
C ASP A 98 -12.42 -8.53 -8.86
N LEU A 99 -11.69 -7.71 -8.10
CA LEU A 99 -10.91 -8.21 -6.97
C LEU A 99 -11.40 -7.61 -5.64
N GLY A 100 -11.68 -6.32 -5.67
CA GLY A 100 -12.17 -5.61 -4.50
C GLY A 100 -11.11 -4.78 -3.76
N GLU A 101 -9.88 -4.80 -4.25
CA GLU A 101 -8.79 -4.12 -3.56
C GLU A 101 -8.63 -2.68 -4.05
N LEU A 102 -8.35 -1.78 -3.12
CA LEU A 102 -8.01 -0.39 -3.46
C LEU A 102 -6.53 -0.25 -3.76
N ILE A 103 -6.22 0.42 -4.88
CA ILE A 103 -4.83 0.67 -5.25
C ILE A 103 -4.55 2.17 -5.26
N ASP A 104 -3.45 2.56 -4.64
CA ASP A 104 -3.07 3.97 -4.51
C ASP A 104 -1.94 4.31 -5.48
N ASP A 105 -1.73 5.60 -5.71
CA ASP A 105 -0.61 6.09 -6.51
C ASP A 105 -0.61 5.55 -7.94
N VAL A 106 -1.77 5.56 -8.56
CA VAL A 106 -1.87 5.11 -9.93
C VAL A 106 -1.71 6.29 -10.88
N HIS A 107 -0.69 6.25 -11.73
CA HIS A 107 -0.45 7.30 -12.72
C HIS A 107 -1.52 7.29 -13.81
N SER A 108 -1.71 8.43 -14.45
CA SER A 108 -2.65 8.55 -15.54
C SER A 108 -2.24 7.67 -16.72
N SER A 109 -0.94 7.42 -16.83
CA SER A 109 -0.40 6.57 -17.90
C SER A 109 -0.86 5.12 -17.75
N SER A 110 -1.14 4.70 -16.53
CA SER A 110 -1.65 3.34 -16.28
C SER A 110 -3.16 3.20 -16.49
N LEU A 111 -3.84 4.32 -16.74
CA LEU A 111 -5.29 4.29 -16.94
C LEU A 111 -5.70 4.24 -18.41
N ALA A 112 -6.80 3.53 -18.69
CA ALA A 112 -7.31 3.44 -20.05
C ALA A 112 -8.82 3.62 -20.07
N ASN A 113 -9.33 4.07 -21.20
CA ASN A 113 -10.76 4.25 -21.39
C ASN A 113 -11.45 2.89 -21.37
N ILE A 114 -12.69 2.86 -20.92
CA ILE A 114 -13.42 1.60 -20.91
C ILE A 114 -14.67 1.72 -21.76
N ASP A 115 -14.89 0.71 -22.58
CA ASP A 115 -16.05 0.72 -23.44
C ASP A 115 -17.25 0.24 -22.65
N GLU A 116 -18.37 0.29 -23.32
CA GLU A 116 -19.65 0.29 -22.66
C GLU A 116 -20.15 -1.10 -22.22
N ALA A 117 -19.68 -2.17 -22.88
CA ALA A 117 -20.00 -3.53 -22.43
C ALA A 117 -19.34 -3.87 -21.10
N ASP A 118 -18.03 -3.61 -21.01
CA ASP A 118 -17.28 -3.93 -19.79
C ASP A 118 -17.63 -3.02 -18.63
N MSE A 119 -18.41 -1.98 -18.91
CA MSE A 119 -18.97 -1.19 -17.84
C MSE A 119 -20.18 -1.88 -17.21
O MSE A 119 -20.28 -1.93 -15.99
CB MSE A 119 -19.38 0.20 -18.34
CG MSE A 119 -18.29 1.26 -18.23
SE MSE A 119 -19.02 3.00 -18.71
CE MSE A 119 -18.40 3.09 -20.54
N ARG A 120 -21.09 -2.43 -18.01
CA ARG A 120 -22.27 -3.07 -17.40
C ARG A 120 -22.14 -4.54 -17.03
N ILE A 121 -21.05 -5.18 -17.39
CA ILE A 121 -20.82 -6.53 -16.86
C ILE A 121 -20.65 -6.48 -15.36
N SER A 122 -21.42 -7.29 -14.64
CA SER A 122 -21.43 -7.25 -13.18
C SER A 122 -20.06 -7.54 -12.57
N SER A 123 -19.74 -6.84 -11.49
CA SER A 123 -18.45 -7.03 -10.83
C SER A 123 -18.36 -8.45 -10.27
N SER A 124 -17.22 -9.08 -10.50
CA SER A 124 -16.96 -10.43 -9.99
C SER A 124 -16.88 -10.47 -8.46
N ALA A 125 -16.25 -9.47 -7.86
CA ALA A 125 -16.06 -9.44 -6.40
C ALA A 125 -17.33 -9.01 -5.67
N LYS A 126 -17.78 -9.85 -4.74
CA LYS A 126 -19.01 -9.57 -4.00
C LYS A 126 -18.65 -9.12 -2.58
N ARG A 127 -19.05 -7.89 -2.23
CA ARG A 127 -18.67 -7.29 -0.95
C ARG A 127 -19.44 -7.82 0.26
N CYS A 128 -18.71 -8.12 1.33
CA CYS A 128 -19.31 -8.60 2.57
C CYS A 128 -18.74 -7.91 3.80
N HIS A 129 -19.49 -7.92 4.90
CA HIS A 129 -18.95 -7.52 6.18
C HIS A 129 -19.49 -8.47 7.25
N LEU A 130 -18.69 -8.71 8.29
CA LEU A 130 -19.11 -9.62 9.36
C LEU A 130 -20.27 -9.05 10.16
N HIS A 131 -21.35 -9.82 10.26
CA HIS A 131 -22.57 -9.32 10.86
C HIS A 131 -22.50 -9.27 12.39
N GLY A 132 -23.07 -8.21 12.96
CA GLY A 132 -23.29 -8.12 14.39
C GLY A 132 -22.11 -7.73 15.24
N ILE A 133 -21.00 -7.36 14.62
CA ILE A 133 -19.81 -6.99 15.38
C ILE A 133 -19.24 -5.66 14.89
N ARG A 134 -18.42 -5.04 15.74
CA ARG A 134 -17.77 -3.78 15.42
C ARG A 134 -16.39 -3.70 16.09
N PRO A 135 -15.51 -2.82 15.59
CA PRO A 135 -14.20 -2.73 16.23
C PRO A 135 -14.27 -2.15 17.64
N ILE A 136 -13.30 -2.50 18.48
CA ILE A 136 -13.20 -1.90 19.81
C ILE A 136 -12.40 -0.60 19.66
N GLY A 137 -13.07 0.44 19.17
CA GLY A 137 -12.43 1.73 18.95
C GLY A 137 -12.90 2.39 17.66
N ASP A 138 -12.16 3.40 17.20
CA ASP A 138 -12.50 4.10 15.97
C ASP A 138 -12.37 3.23 14.73
N GLU A 139 -11.31 2.43 14.67
CA GLU A 139 -11.02 1.63 13.48
C GLU A 139 -10.61 0.21 13.83
N TRP A 140 -10.72 -0.69 12.85
CA TRP A 140 -10.22 -2.04 13.01
C TRP A 140 -8.71 -1.97 13.18
N SER A 141 -8.21 -2.53 14.29
CA SER A 141 -6.79 -2.56 14.56
C SER A 141 -6.09 -3.60 13.71
N LYS A 142 -4.77 -3.48 13.58
CA LYS A 142 -3.98 -4.45 12.85
C LYS A 142 -4.06 -5.84 13.46
N ASP A 143 -4.14 -5.90 14.79
CA ASP A 143 -4.27 -7.19 15.49
C ASP A 143 -5.53 -7.93 15.06
N ALA A 144 -6.64 -7.22 15.06
CA ALA A 144 -7.94 -7.79 14.73
C ALA A 144 -7.98 -8.24 13.27
N ILE A 145 -7.42 -7.43 12.37
CA ILE A 145 -7.37 -7.78 10.96
C ILE A 145 -6.52 -9.04 10.77
N ASP A 146 -5.39 -9.08 11.48
CA ASP A 146 -4.50 -10.24 11.42
C ASP A 146 -5.18 -11.48 11.99
N PHE A 147 -5.95 -11.28 13.07
CA PHE A 147 -6.69 -12.37 13.69
C PHE A 147 -7.72 -12.95 12.73
N PHE A 148 -8.44 -12.06 12.05
CA PHE A 148 -9.42 -12.43 11.03
C PHE A 148 -8.76 -13.25 9.92
N MSE A 149 -7.63 -12.76 9.41
CA MSE A 149 -6.87 -13.46 8.38
C MSE A 149 -6.42 -14.85 8.83
O MSE A 149 -6.49 -15.81 8.07
CB MSE A 149 -5.63 -12.65 7.97
CG MSE A 149 -5.93 -11.34 7.27
SE MSE A 149 -6.62 -11.58 5.48
CE MSE A 149 -5.08 -12.49 4.66
N ASP A 150 -5.95 -14.92 10.07
CA ASP A 150 -5.49 -16.18 10.64
C ASP A 150 -6.61 -17.20 10.73
N GLN A 151 -7.81 -16.73 11.08
CA GLN A 151 -8.97 -17.60 11.15
C GLN A 151 -9.30 -18.16 9.77
N LEU A 152 -9.23 -17.32 8.74
CA LEU A 152 -9.59 -17.71 7.38
C LEU A 152 -8.72 -18.81 6.80
N LYS A 153 -7.44 -18.83 7.18
CA LYS A 153 -6.52 -19.83 6.66
C LYS A 153 -6.46 -21.05 7.58
N ALA A 154 -7.24 -21.00 8.65
CA ALA A 154 -7.23 -22.07 9.64
C ALA A 154 -8.30 -23.13 9.35
N TYR A 155 -9.04 -22.97 8.26
CA TYR A 155 -10.12 -23.91 7.96
C TYR A 155 -10.06 -24.50 6.56
N ASN A 156 -10.74 -25.64 6.42
CA ASN A 156 -10.81 -26.35 5.16
C ASN A 156 -11.57 -25.56 4.10
N GLU A 157 -12.76 -25.10 4.46
CA GLU A 157 -13.59 -24.30 3.55
C GLU A 157 -14.24 -23.15 4.30
N ILE A 158 -14.75 -22.19 3.54
CA ILE A 158 -15.42 -21.03 4.12
C ILE A 158 -16.85 -20.95 3.61
N HIS A 159 -17.78 -20.59 4.51
CA HIS A 159 -19.19 -20.51 4.16
C HIS A 159 -19.82 -19.24 4.78
N VAL A 160 -20.85 -18.71 4.13
CA VAL A 160 -21.54 -17.54 4.65
C VAL A 160 -23.03 -17.80 4.86
N THR A 161 -23.60 -17.11 5.83
CA THR A 161 -25.03 -17.08 6.05
C THR A 161 -25.48 -15.61 6.02
N GLY A 162 -26.42 -15.30 5.14
CA GLY A 162 -26.83 -13.93 4.93
C GLY A 162 -27.64 -13.32 6.05
N ARG A 163 -27.27 -12.10 6.43
CA ARG A 163 -28.01 -11.37 7.46
C ARG A 163 -28.48 -10.01 6.96
N GLY A 164 -28.69 -9.90 5.65
CA GLY A 164 -29.28 -8.70 5.11
C GLY A 164 -28.18 -7.90 4.43
N ARG A 165 -28.54 -6.85 3.71
CA ARG A 165 -27.51 -6.06 3.07
C ARG A 165 -27.66 -4.59 3.40
N THR A 166 -26.52 -3.92 3.50
CA THR A 166 -26.45 -2.48 3.59
C THR A 166 -26.52 -1.94 2.17
N GLU A 167 -26.04 -0.71 1.95
CA GLU A 167 -26.23 -0.10 0.64
C GLU A 167 -25.26 -0.64 -0.41
N ASN A 168 -24.08 -1.12 0.02
CA ASN A 168 -23.14 -1.73 -0.90
C ASN A 168 -22.57 -3.09 -0.47
N SER A 169 -23.01 -3.62 0.66
CA SER A 169 -22.41 -4.84 1.21
C SER A 169 -23.41 -5.82 1.79
N LEU A 170 -23.08 -7.10 1.76
CA LEU A 170 -23.95 -8.11 2.35
C LEU A 170 -23.42 -8.50 3.73
N SER A 171 -24.30 -8.42 4.72
CA SER A 171 -23.97 -8.78 6.09
C SER A 171 -24.01 -10.30 6.25
N VAL A 172 -22.94 -10.88 6.78
CA VAL A 172 -22.89 -12.34 6.89
C VAL A 172 -22.37 -12.87 8.21
N ILE A 173 -22.76 -14.10 8.51
CA ILE A 173 -22.11 -14.91 9.52
C ILE A 173 -21.16 -15.81 8.77
N LEU A 174 -19.86 -15.61 8.99
CA LEU A 174 -18.83 -16.42 8.33
C LEU A 174 -18.58 -17.72 9.10
N TRP A 175 -18.61 -18.84 8.37
CA TRP A 175 -18.40 -20.15 8.99
C TRP A 175 -17.12 -20.78 8.48
N GLY A 176 -16.36 -21.37 9.40
CA GLY A 176 -15.22 -22.17 9.04
C GLY A 176 -15.60 -23.63 9.23
N SER A 177 -15.23 -24.47 8.29
CA SER A 177 -15.56 -25.89 8.40
C SER A 177 -14.31 -26.73 8.56
N LEU A 178 -14.38 -27.70 9.46
CA LEU A 178 -13.32 -28.67 9.63
C LEU A 178 -13.85 -30.00 9.12
N SER A 179 -12.98 -30.78 8.48
CA SER A 179 -13.39 -32.10 8.04
C SER A 179 -12.66 -33.15 8.86
N ILE A 180 -13.42 -34.09 9.42
CA ILE A 180 -12.85 -35.11 10.28
C ILE A 180 -12.95 -36.48 9.63
N LEU A 181 -11.81 -37.10 9.37
CA LEU A 181 -11.78 -38.40 8.70
C LEU A 181 -11.86 -39.50 9.76
N THR A 182 -12.90 -40.31 9.66
CA THR A 182 -13.22 -41.30 10.69
C THR A 182 -13.34 -42.71 10.16
N GLY A 183 -12.24 -43.24 9.61
CA GLY A 183 -12.26 -44.60 9.10
C GLY A 183 -12.69 -44.68 7.65
N PRO A 184 -12.31 -45.76 6.97
CA PRO A 184 -12.59 -45.99 5.54
C PRO A 184 -14.06 -46.28 5.22
N PHE A 185 -14.77 -46.90 6.15
CA PHE A 185 -16.15 -47.31 5.94
C PHE A 185 -17.14 -46.17 6.08
N SER A 186 -16.78 -45.18 6.90
CA SER A 186 -17.62 -44.02 7.14
C SER A 186 -17.11 -42.78 6.39
N PRO A 187 -18.02 -41.94 5.90
CA PRO A 187 -17.68 -40.66 5.29
C PRO A 187 -17.19 -39.64 6.32
N ALA A 188 -16.44 -38.64 5.86
CA ALA A 188 -15.90 -37.61 6.75
C ALA A 188 -17.04 -36.86 7.45
N THR A 189 -16.77 -36.40 8.66
CA THR A 189 -17.72 -35.59 9.40
C THR A 189 -17.33 -34.11 9.30
N ILE A 190 -18.33 -33.24 9.12
CA ILE A 190 -18.07 -31.82 8.99
C ILE A 190 -18.56 -31.08 10.23
N LYS A 191 -17.70 -30.24 10.80
CA LYS A 191 -18.09 -29.35 11.89
C LYS A 191 -17.89 -27.91 11.47
N TYR A 192 -18.84 -27.05 11.86
CA TYR A 192 -18.79 -25.64 11.49
C TYR A 192 -18.44 -24.76 12.69
N VAL A 193 -17.52 -23.82 12.48
CA VAL A 193 -17.14 -22.85 13.51
C VAL A 193 -17.53 -21.41 13.12
N ASN A 194 -18.14 -20.71 14.06
CA ASN A 194 -18.61 -19.35 13.82
C ASN A 194 -17.48 -18.34 13.96
N ILE A 195 -16.97 -17.85 12.84
CA ILE A 195 -15.84 -16.92 12.87
C ILE A 195 -16.20 -15.58 13.52
N ASN A 196 -17.41 -15.09 13.29
CA ASN A 196 -17.84 -13.83 13.93
C ASN A 196 -17.66 -13.90 15.45
N LYS A 197 -18.10 -15.02 16.02
CA LYS A 197 -18.08 -15.22 17.47
C LYS A 197 -16.64 -15.41 17.95
N ALA A 198 -15.83 -16.04 17.10
CA ALA A 198 -14.41 -16.21 17.39
C ALA A 198 -13.73 -14.85 17.60
N LEU A 199 -14.09 -13.87 16.79
CA LEU A 199 -13.57 -12.52 16.95
C LEU A 199 -14.03 -11.89 18.26
N LEU A 200 -15.29 -12.13 18.60
CA LEU A 200 -15.86 -11.62 19.84
C LEU A 200 -15.16 -12.20 21.06
N MSE A 201 -14.98 -13.53 21.07
CA MSE A 201 -14.40 -14.21 22.22
C MSE A 201 -12.93 -13.89 22.41
O MSE A 201 -12.41 -13.90 23.52
CB MSE A 201 -14.61 -15.72 22.09
CG MSE A 201 -16.01 -16.19 22.41
SE MSE A 201 -16.20 -18.11 22.26
CE MSE A 201 -15.23 -18.39 20.60
N ALA A 202 -12.24 -13.59 21.31
CA ALA A 202 -10.82 -13.26 21.35
C ALA A 202 -10.60 -11.81 21.79
N GLY A 203 -11.68 -11.06 21.94
CA GLY A 203 -11.58 -9.69 22.38
C GLY A 203 -11.15 -8.79 21.23
N MSE A 204 -11.43 -9.24 20.00
CA MSE A 204 -11.02 -8.49 18.82
C MSE A 204 -12.16 -7.64 18.27
O MSE A 204 -11.95 -6.80 17.39
CB MSE A 204 -10.51 -9.46 17.75
CG MSE A 204 -9.19 -10.14 18.11
SE MSE A 204 -7.70 -8.88 18.31
CE MSE A 204 -6.26 -10.16 18.59
N ALA A 205 -13.37 -7.86 18.78
CA ALA A 205 -14.53 -7.10 18.36
C ALA A 205 -15.58 -7.12 19.48
N GLU A 206 -16.58 -6.24 19.38
CA GLU A 206 -17.70 -6.27 20.34
C GLU A 206 -19.03 -6.29 19.60
N LYS A 207 -20.06 -6.74 20.29
CA LYS A 207 -21.38 -6.83 19.69
C LYS A 207 -21.88 -5.48 19.20
N ASP A 208 -22.41 -5.47 17.99
CA ASP A 208 -22.98 -4.28 17.40
C ASP A 208 -24.44 -4.19 17.82
N HIS A 209 -24.78 -3.17 18.61
CA HIS A 209 -26.12 -3.07 19.14
C HIS A 209 -27.09 -2.38 18.17
N ASN A 210 -26.64 -2.18 16.94
CA ASN A 210 -27.50 -1.62 15.90
C ASN A 210 -28.16 -2.76 15.12
N SER A 211 -27.61 -3.96 15.28
CA SER A 211 -28.18 -5.15 14.66
C SER A 211 -29.19 -5.80 15.60
N ASP A 212 -30.12 -6.57 15.02
CA ASP A 212 -31.12 -7.28 15.80
C ASP A 212 -30.64 -8.69 16.14
N LYS B 2 22.41 26.96 12.12
CA LYS B 2 22.86 26.72 10.76
C LYS B 2 21.81 25.95 9.96
N ARG B 3 21.65 26.31 8.69
CA ARG B 3 20.66 25.67 7.84
C ARG B 3 21.31 25.13 6.57
N THR B 4 20.97 23.89 6.22
CA THR B 4 21.42 23.27 4.98
C THR B 4 20.21 22.88 4.12
N THR B 5 20.21 23.32 2.86
CA THR B 5 19.10 23.01 1.97
C THR B 5 19.12 21.51 1.64
N VAL B 6 17.95 20.90 1.52
CA VAL B 6 17.87 19.48 1.17
C VAL B 6 16.77 19.19 0.17
N ASN B 7 16.88 18.04 -0.46
CA ASN B 7 15.81 17.52 -1.31
C ASN B 7 15.06 16.44 -0.53
N ILE B 8 13.73 16.53 -0.50
CA ILE B 8 12.94 15.50 0.16
C ILE B 8 12.67 14.32 -0.79
N LEU B 9 13.29 13.18 -0.51
CA LEU B 9 13.13 11.98 -1.34
C LEU B 9 11.81 11.24 -1.12
N TYR B 10 11.49 10.98 0.14
CA TYR B 10 10.28 10.22 0.47
C TYR B 10 9.84 10.48 1.91
N VAL B 11 8.53 10.60 2.13
CA VAL B 11 8.00 10.82 3.46
C VAL B 11 7.05 9.70 3.92
N ARG B 12 7.34 9.11 5.06
CA ARG B 12 6.42 8.12 5.63
C ARG B 12 5.59 8.78 6.72
N LYS B 13 6.29 9.39 7.69
CA LYS B 13 5.64 10.04 8.84
C LYS B 13 6.53 11.20 9.29
N PRO B 14 6.00 12.11 10.14
CA PRO B 14 6.87 13.16 10.66
C PRO B 14 8.09 12.63 11.41
N ASP B 15 8.02 11.42 11.96
CA ASP B 15 9.19 10.83 12.60
C ASP B 15 9.97 9.87 11.68
N GLU B 16 9.57 9.82 10.41
CA GLU B 16 10.36 9.08 9.43
C GLU B 16 10.20 9.63 8.02
N PHE B 17 11.23 10.33 7.55
CA PHE B 17 11.26 10.82 6.18
C PHE B 17 12.72 10.86 5.70
N TYR B 18 12.92 10.97 4.39
CA TYR B 18 14.25 10.81 3.83
C TYR B 18 14.67 11.95 2.92
N VAL B 19 15.91 12.39 3.08
CA VAL B 19 16.42 13.53 2.36
C VAL B 19 17.77 13.26 1.73
N THR B 20 18.19 14.15 0.84
CA THR B 20 19.56 14.15 0.33
C THR B 20 20.03 15.58 0.13
N LEU B 21 21.35 15.78 0.15
CA LEU B 21 21.92 17.07 -0.18
C LEU B 21 21.66 17.34 -1.66
N PRO B 22 21.24 18.58 -1.99
CA PRO B 22 20.80 18.92 -3.35
C PRO B 22 21.86 18.69 -4.42
N HIS B 23 23.12 18.93 -4.09
CA HIS B 23 24.20 18.74 -5.07
C HIS B 23 24.43 17.26 -5.38
N PHE B 24 23.99 16.38 -4.48
CA PHE B 24 24.13 14.94 -4.70
C PHE B 24 23.13 14.34 -5.67
N GLN B 25 22.15 15.13 -6.09
CA GLN B 25 21.01 14.62 -6.85
C GLN B 25 21.44 13.94 -8.16
N LYS B 26 22.43 14.50 -8.84
CA LYS B 26 22.85 13.95 -10.12
C LYS B 26 23.53 12.60 -9.88
N ALA B 27 24.31 12.52 -8.79
CA ALA B 27 25.00 11.30 -8.41
C ALA B 27 24.01 10.18 -8.06
N ILE B 28 22.88 10.56 -7.48
CA ILE B 28 21.84 9.59 -7.16
C ILE B 28 21.25 9.01 -8.45
N ASN B 29 21.01 9.89 -9.43
CA ASN B 29 20.46 9.50 -10.71
C ASN B 29 21.35 8.52 -11.46
N ASN B 30 22.65 8.76 -11.41
CA ASN B 30 23.60 7.86 -12.05
C ASN B 30 23.54 6.48 -11.42
N LEU B 31 23.45 6.48 -10.09
CA LEU B 31 23.36 5.23 -9.33
C LEU B 31 22.12 4.42 -9.65
N GLN B 32 20.97 5.08 -9.83
CA GLN B 32 19.74 4.37 -10.11
C GLN B 32 19.75 3.61 -11.44
N LYS B 33 20.32 4.22 -12.47
CA LYS B 33 20.32 3.56 -13.77
C LYS B 33 21.54 2.63 -13.90
N SER B 34 22.52 2.86 -13.05
CA SER B 34 23.58 1.88 -12.86
C SER B 34 23.04 0.63 -12.19
N VAL B 35 22.07 0.81 -11.29
CA VAL B 35 21.45 -0.30 -10.59
C VAL B 35 20.66 -1.17 -11.55
N GLN B 36 20.02 -0.55 -12.54
CA GLN B 36 19.25 -1.28 -13.53
C GLN B 36 20.10 -2.29 -14.28
N LYS B 37 21.30 -1.88 -14.67
CA LYS B 37 22.22 -2.75 -15.39
C LYS B 37 22.63 -3.94 -14.53
N ALA B 38 23.12 -3.65 -13.33
CA ALA B 38 23.63 -4.67 -12.44
C ALA B 38 22.55 -5.66 -12.01
N ALA B 39 21.37 -5.15 -11.68
CA ALA B 39 20.29 -6.00 -11.18
C ALA B 39 19.75 -6.95 -12.25
N ALA B 40 19.54 -6.44 -13.46
CA ALA B 40 19.03 -7.24 -14.56
C ALA B 40 20.00 -8.37 -14.86
N ALA B 41 21.29 -8.06 -14.76
CA ALA B 41 22.33 -9.06 -14.96
C ALA B 41 22.13 -10.17 -13.93
N MSE B 42 22.19 -9.81 -12.65
CA MSE B 42 22.00 -10.76 -11.57
C MSE B 42 20.76 -11.63 -11.75
O MSE B 42 20.83 -12.85 -11.60
CB MSE B 42 21.91 -10.04 -10.22
CG MSE B 42 23.05 -9.10 -9.94
SE MSE B 42 24.70 -10.02 -9.49
CE MSE B 42 25.77 -8.44 -9.10
N TYR B 43 19.64 -11.00 -12.08
CA TYR B 43 18.36 -11.70 -12.20
C TYR B 43 18.37 -12.86 -13.20
N GLN B 44 18.78 -12.60 -14.44
CA GLN B 44 18.77 -13.65 -15.45
C GLN B 44 19.95 -14.58 -15.20
N ASN B 45 20.98 -14.03 -14.56
CA ASN B 45 22.14 -14.81 -14.15
C ASN B 45 21.73 -15.77 -13.03
N MSE B 46 21.49 -15.22 -11.83
CA MSE B 46 21.24 -15.99 -10.61
C MSE B 46 20.41 -17.26 -10.71
O MSE B 46 19.48 -17.37 -11.52
CB MSE B 46 20.55 -15.09 -9.57
CG MSE B 46 19.10 -14.80 -9.92
SE MSE B 46 18.16 -13.76 -8.57
CE MSE B 46 18.76 -14.74 -6.99
N LEU B 47 20.77 -18.24 -9.88
CA LEU B 47 19.94 -19.38 -9.63
C LEU B 47 18.69 -18.89 -8.90
N PRO B 48 17.53 -19.52 -9.16
CA PRO B 48 16.31 -19.13 -8.45
C PRO B 48 16.49 -19.22 -6.93
N ARG B 49 15.91 -18.28 -6.18
CA ARG B 49 16.04 -18.32 -4.74
C ARG B 49 14.76 -18.00 -4.00
N THR B 50 14.51 -18.75 -2.93
CA THR B 50 13.31 -18.62 -2.12
C THR B 50 13.69 -18.55 -0.65
N ASP B 51 14.99 -18.43 -0.40
CA ASP B 51 15.58 -18.56 0.92
C ASP B 51 15.55 -17.22 1.68
N TRP B 52 14.89 -16.23 1.09
CA TRP B 52 14.92 -14.86 1.60
C TRP B 52 14.55 -14.72 3.08
N GLN B 53 15.39 -13.98 3.80
CA GLN B 53 15.27 -13.80 5.25
C GLN B 53 15.38 -12.33 5.63
N VAL B 54 14.92 -11.96 6.83
CA VAL B 54 15.06 -10.60 7.33
C VAL B 54 16.54 -10.19 7.41
N GLY B 55 16.83 -8.95 7.01
CA GLY B 55 18.19 -8.44 7.03
C GLY B 55 19.02 -8.79 5.81
N ASP B 56 18.42 -9.45 4.84
CA ASP B 56 19.14 -9.87 3.65
C ASP B 56 19.22 -8.73 2.64
N MSE B 57 20.44 -8.45 2.17
CA MSE B 57 20.64 -7.47 1.13
C MSE B 57 20.17 -8.04 -0.20
O MSE B 57 20.23 -9.24 -0.41
CB MSE B 57 22.12 -7.07 1.05
CG MSE B 57 22.69 -6.54 2.36
SE MSE B 57 21.83 -4.89 2.96
CE MSE B 57 21.56 -4.04 1.23
N CYS B 58 19.69 -7.16 -1.08
CA CYS B 58 19.10 -7.63 -2.34
C CYS B 58 18.82 -6.52 -3.36
N TYR B 59 18.38 -6.94 -4.53
CA TYR B 59 17.78 -6.04 -5.52
C TYR B 59 16.29 -6.38 -5.53
N ALA B 60 15.44 -5.37 -5.61
CA ALA B 60 14.00 -5.63 -5.71
C ALA B 60 13.42 -4.90 -6.90
N ARG B 61 12.69 -5.63 -7.74
CA ARG B 61 12.01 -5.01 -8.87
C ARG B 61 10.58 -4.70 -8.45
N VAL B 62 10.35 -3.45 -8.09
CA VAL B 62 9.07 -3.03 -7.53
C VAL B 62 8.65 -1.68 -8.07
N GLN B 63 7.35 -1.39 -7.97
CA GLN B 63 6.86 -0.08 -8.35
C GLN B 63 6.85 0.80 -7.12
N ALA B 64 7.80 1.73 -7.05
CA ALA B 64 7.90 2.61 -5.89
C ALA B 64 6.89 3.75 -6.04
N ASN B 65 6.90 4.62 -5.05
CA ASN B 65 5.89 5.66 -4.89
C ASN B 65 5.57 6.46 -6.15
N CYS B 66 6.58 7.05 -6.78
CA CYS B 66 6.32 7.91 -7.94
C CYS B 66 6.68 7.22 -9.26
N ASP B 67 6.70 5.89 -9.24
CA ASP B 67 7.01 5.11 -10.43
C ASP B 67 5.73 4.72 -11.16
N SER B 68 5.69 4.98 -12.47
CA SER B 68 4.58 4.50 -13.30
C SER B 68 4.77 3.01 -13.58
N GLN B 69 6.03 2.59 -13.69
CA GLN B 69 6.39 1.20 -13.97
C GLN B 69 7.29 0.62 -12.88
N ALA B 70 7.33 -0.70 -12.77
CA ALA B 70 8.25 -1.35 -11.86
C ALA B 70 9.70 -1.18 -12.29
N LEU B 71 10.59 -0.91 -11.33
CA LEU B 71 12.00 -0.70 -11.60
C LEU B 71 12.86 -1.39 -10.54
N TRP B 72 14.14 -1.57 -10.82
CA TRP B 72 15.03 -2.20 -9.84
C TRP B 72 15.49 -1.21 -8.79
N TYR B 73 15.56 -1.67 -7.55
CA TYR B 73 16.02 -0.86 -6.42
C TYR B 73 16.92 -1.68 -5.51
N ARG B 74 17.92 -1.02 -4.93
CA ARG B 74 18.74 -1.62 -3.89
C ARG B 74 17.87 -1.74 -2.65
N GLY B 75 17.86 -2.91 -2.03
CA GLY B 75 16.96 -3.13 -0.91
C GLY B 75 17.44 -4.05 0.20
N VAL B 76 16.74 -4.00 1.33
CA VAL B 76 16.92 -4.95 2.41
C VAL B 76 15.57 -5.53 2.81
N VAL B 77 15.51 -6.85 2.96
CA VAL B 77 14.28 -7.53 3.38
C VAL B 77 13.97 -7.24 4.85
N THR B 78 12.88 -6.54 5.11
CA THR B 78 12.52 -6.16 6.47
C THR B 78 11.49 -7.10 7.09
N GLY B 79 10.71 -7.76 6.25
CA GLY B 79 9.70 -8.69 6.75
C GLY B 79 9.40 -9.87 5.85
N VAL B 80 8.91 -10.93 6.47
CA VAL B 80 8.49 -12.14 5.78
C VAL B 80 6.99 -12.36 5.97
N ILE B 81 6.26 -12.43 4.86
CA ILE B 81 4.80 -12.55 4.91
C ILE B 81 4.34 -13.94 4.52
N PRO B 82 3.83 -14.72 5.49
CA PRO B 82 3.41 -16.10 5.25
C PRO B 82 2.21 -16.14 4.32
N PRO B 83 2.02 -17.26 3.62
CA PRO B 83 0.86 -17.42 2.74
C PRO B 83 -0.45 -17.21 3.47
N GLY B 84 -1.45 -16.69 2.75
CA GLY B 84 -2.75 -16.43 3.33
C GLY B 84 -3.81 -17.00 2.42
N ILE B 85 -5.07 -16.87 2.84
CA ILE B 85 -6.19 -17.45 2.10
C ILE B 85 -6.31 -16.80 0.71
N THR B 86 -6.05 -15.49 0.64
CA THR B 86 -6.08 -14.75 -0.61
C THR B 86 -4.86 -14.99 -1.50
N CYS B 87 -3.69 -15.14 -0.87
CA CYS B 87 -2.46 -15.33 -1.63
C CYS B 87 -1.62 -16.46 -1.03
N PRO B 88 -1.56 -17.59 -1.74
CA PRO B 88 -1.01 -18.85 -1.22
C PRO B 88 0.51 -18.95 -1.33
N ILE B 89 1.18 -17.81 -1.50
CA ILE B 89 2.63 -17.78 -1.63
C ILE B 89 3.28 -16.96 -0.53
N VAL B 90 4.51 -17.32 -0.16
CA VAL B 90 5.30 -16.45 0.71
C VAL B 90 5.62 -15.16 -0.01
N ARG B 91 5.57 -14.05 0.70
CA ARG B 91 5.91 -12.76 0.12
C ARG B 91 6.82 -12.02 1.09
N TYR B 92 7.40 -10.91 0.66
CA TYR B 92 8.31 -10.19 1.54
C TYR B 92 8.08 -8.68 1.52
N GLN B 93 8.51 -8.02 2.60
CA GLN B 93 8.50 -6.56 2.67
C GLN B 93 9.94 -6.06 2.54
N VAL B 94 10.14 -5.12 1.63
CA VAL B 94 11.48 -4.62 1.34
C VAL B 94 11.61 -3.11 1.55
N HIS B 95 12.72 -2.72 2.18
CA HIS B 95 13.06 -1.32 2.35
C HIS B 95 14.02 -0.87 1.24
N LEU B 96 13.65 0.18 0.52
CA LEU B 96 14.48 0.67 -0.58
C LEU B 96 15.51 1.67 -0.04
N ARG B 97 16.78 1.28 0.00
CA ARG B 97 17.80 2.10 0.66
C ARG B 97 18.03 3.47 0.01
N ASP B 98 17.85 3.56 -1.29
CA ASP B 98 18.07 4.82 -2.00
C ASP B 98 16.84 5.72 -2.03
N LEU B 99 15.69 5.19 -1.61
CA LEU B 99 14.45 5.97 -1.55
C LEU B 99 13.97 6.15 -0.11
N GLY B 100 14.00 5.06 0.65
CA GLY B 100 13.55 5.06 2.03
C GLY B 100 12.16 4.48 2.27
N GLU B 101 11.50 4.05 1.20
CA GLU B 101 10.13 3.60 1.29
C GLU B 101 10.04 2.10 1.55
N LEU B 102 9.08 1.69 2.38
CA LEU B 102 8.78 0.27 2.56
C LEU B 102 7.80 -0.20 1.50
N ILE B 103 8.10 -1.33 0.89
CA ILE B 103 7.21 -1.93 -0.10
C ILE B 103 6.69 -3.25 0.45
N ASP B 104 5.38 -3.47 0.33
CA ASP B 104 4.77 -4.68 0.87
C ASP B 104 4.44 -5.65 -0.24
N ASP B 105 4.24 -6.91 0.14
CA ASP B 105 3.77 -7.96 -0.76
C ASP B 105 4.66 -8.18 -1.99
N VAL B 106 5.97 -8.25 -1.78
CA VAL B 106 6.89 -8.50 -2.89
C VAL B 106 7.17 -9.99 -3.06
N HIS B 107 6.87 -10.50 -4.24
CA HIS B 107 7.13 -11.91 -4.58
C HIS B 107 8.62 -12.19 -4.67
N SER B 108 9.00 -13.44 -4.46
CA SER B 108 10.40 -13.85 -4.58
C SER B 108 10.91 -13.72 -6.01
N SER B 109 10.00 -13.84 -6.97
CA SER B 109 10.35 -13.73 -8.38
C SER B 109 10.83 -12.31 -8.72
N SER B 110 10.35 -11.33 -7.97
CA SER B 110 10.77 -9.94 -8.14
C SER B 110 12.07 -9.62 -7.38
N LEU B 111 12.56 -10.56 -6.59
CA LEU B 111 13.81 -10.36 -5.85
C LEU B 111 15.01 -10.94 -6.57
N ALA B 112 16.15 -10.26 -6.45
CA ALA B 112 17.40 -10.73 -7.05
C ALA B 112 18.59 -10.56 -6.10
N ASN B 113 19.61 -11.38 -6.29
CA ASN B 113 20.83 -11.27 -5.51
C ASN B 113 21.62 -10.01 -5.86
N ILE B 114 22.31 -9.45 -4.87
CA ILE B 114 23.16 -8.29 -5.07
C ILE B 114 24.59 -8.63 -4.66
N ASP B 115 25.57 -8.22 -5.44
CA ASP B 115 26.94 -8.51 -5.07
C ASP B 115 27.40 -7.46 -4.06
N GLU B 116 28.55 -7.69 -3.44
CA GLU B 116 28.89 -6.96 -2.22
C GLU B 116 29.57 -5.61 -2.50
N ALA B 117 30.21 -5.48 -3.65
CA ALA B 117 30.77 -4.21 -4.06
C ALA B 117 29.63 -3.22 -4.25
N ASP B 118 28.61 -3.68 -4.96
CA ASP B 118 27.44 -2.88 -5.25
C ASP B 118 26.65 -2.64 -3.95
N MSE B 119 26.90 -3.50 -2.97
CA MSE B 119 26.09 -3.54 -1.75
C MSE B 119 26.57 -2.53 -0.73
O MSE B 119 25.77 -1.92 -0.05
CB MSE B 119 26.09 -4.96 -1.17
CG MSE B 119 25.24 -5.21 0.07
SE MSE B 119 26.04 -6.32 1.49
CE MSE B 119 26.67 -4.93 2.69
N ARG B 120 27.88 -2.30 -0.65
CA ARG B 120 28.41 -1.47 0.42
C ARG B 120 28.43 0.02 0.10
N ILE B 121 27.98 0.40 -1.08
CA ILE B 121 27.77 1.82 -1.36
C ILE B 121 26.75 2.38 -0.38
N SER B 122 27.11 3.47 0.30
CA SER B 122 26.25 4.06 1.33
C SER B 122 24.92 4.48 0.71
N SER B 123 23.84 4.29 1.47
CA SER B 123 22.52 4.59 0.97
C SER B 123 22.36 6.06 0.63
N SER B 124 21.74 6.31 -0.52
CA SER B 124 21.49 7.68 -0.99
C SER B 124 20.56 8.41 -0.04
N ALA B 125 19.54 7.71 0.45
CA ALA B 125 18.53 8.29 1.32
C ALA B 125 19.00 8.40 2.78
N LYS B 126 18.92 9.60 3.33
CA LYS B 126 19.31 9.85 4.72
C LYS B 126 18.07 10.00 5.57
N ARG B 127 17.93 9.15 6.59
CA ARG B 127 16.74 9.14 7.45
C ARG B 127 16.69 10.29 8.45
N CYS B 128 15.52 10.92 8.57
CA CYS B 128 15.33 12.03 9.50
C CYS B 128 14.03 11.90 10.28
N HIS B 129 13.97 12.54 11.43
CA HIS B 129 12.72 12.70 12.17
C HIS B 129 12.64 14.11 12.75
N LEU B 130 11.43 14.66 12.82
CA LEU B 130 11.24 16.02 13.33
C LEU B 130 11.56 16.09 14.82
N HIS B 131 12.44 17.01 15.18
CA HIS B 131 12.94 17.10 16.54
C HIS B 131 11.94 17.75 17.47
N GLY B 132 11.85 17.26 18.70
CA GLY B 132 11.10 17.91 19.76
C GLY B 132 9.60 17.71 19.75
N ILE B 133 9.12 16.82 18.88
CA ILE B 133 7.69 16.54 18.78
C ILE B 133 7.37 15.05 18.75
N ARG B 134 6.13 14.71 19.06
CA ARG B 134 5.64 13.35 18.99
C ARG B 134 4.15 13.39 18.70
N PRO B 135 3.57 12.28 18.21
CA PRO B 135 2.11 12.27 17.94
C PRO B 135 1.30 12.44 19.21
N ILE B 136 0.06 12.87 19.09
CA ILE B 136 -0.79 13.02 20.27
C ILE B 136 -1.32 11.66 20.73
N GLY B 137 -1.83 10.89 19.77
CA GLY B 137 -2.33 9.56 20.07
C GLY B 137 -1.20 8.55 20.13
N ASP B 138 -1.52 7.27 20.00
CA ASP B 138 -0.52 6.22 20.03
C ASP B 138 0.41 6.34 18.83
N GLU B 139 -0.17 6.66 17.68
CA GLU B 139 0.57 6.69 16.42
C GLU B 139 0.21 7.95 15.64
N TRP B 140 1.05 8.32 14.68
CA TRP B 140 0.73 9.45 13.81
C TRP B 140 -0.57 9.21 13.04
N SER B 141 -1.51 10.13 13.21
CA SER B 141 -2.80 10.07 12.53
C SER B 141 -2.64 10.45 11.06
N LYS B 142 -3.63 10.09 10.25
CA LYS B 142 -3.62 10.47 8.85
C LYS B 142 -3.67 11.98 8.72
N ASP B 143 -4.39 12.64 9.62
CA ASP B 143 -4.50 14.09 9.62
C ASP B 143 -3.13 14.75 9.75
N ALA B 144 -2.34 14.27 10.70
CA ALA B 144 -1.02 14.85 10.95
C ALA B 144 -0.09 14.61 9.76
N ILE B 145 -0.14 13.40 9.20
CA ILE B 145 0.70 13.08 8.06
C ILE B 145 0.33 13.95 6.86
N ASP B 146 -0.97 14.15 6.63
CA ASP B 146 -1.42 14.98 5.52
C ASP B 146 -0.99 16.43 5.72
N PHE B 147 -1.07 16.90 6.96
CA PHE B 147 -0.66 18.27 7.29
C PHE B 147 0.83 18.45 7.02
N PHE B 148 1.62 17.48 7.46
CA PHE B 148 3.06 17.50 7.23
C PHE B 148 3.38 17.57 5.73
N MSE B 149 2.72 16.73 4.92
CA MSE B 149 2.90 16.76 3.47
C MSE B 149 2.54 18.10 2.87
O MSE B 149 3.21 18.58 1.95
CB MSE B 149 2.06 15.65 2.80
CG MSE B 149 2.44 14.26 3.22
SE MSE B 149 4.27 13.87 2.70
CE MSE B 149 4.07 13.95 0.77
N ASP B 150 1.45 18.70 3.37
CA ASP B 150 1.00 19.99 2.87
C ASP B 150 2.01 21.09 3.14
N GLN B 151 2.64 21.03 4.31
CA GLN B 151 3.66 22.02 4.66
C GLN B 151 4.84 21.95 3.72
N LEU B 152 5.27 20.74 3.38
CA LEU B 152 6.46 20.54 2.57
C LEU B 152 6.32 21.14 1.17
N LYS B 153 5.10 21.13 0.64
CA LYS B 153 4.88 21.66 -0.70
C LYS B 153 4.46 23.13 -0.68
N ALA B 154 4.32 23.70 0.51
CA ALA B 154 3.82 25.07 0.60
C ALA B 154 4.96 26.09 0.59
N TYR B 155 6.19 25.61 0.43
CA TYR B 155 7.34 26.51 0.50
C TYR B 155 8.25 26.40 -0.73
N ASN B 156 9.04 27.45 -0.92
CA ASN B 156 9.98 27.52 -2.03
C ASN B 156 11.06 26.45 -1.94
N GLU B 157 11.70 26.36 -0.78
CA GLU B 157 12.75 25.35 -0.55
C GLU B 157 12.61 24.78 0.85
N ILE B 158 13.29 23.66 1.10
CA ILE B 158 13.26 23.02 2.41
C ILE B 158 14.68 22.96 2.97
N HIS B 159 14.81 23.22 4.27
CA HIS B 159 16.12 23.24 4.91
C HIS B 159 16.09 22.52 6.25
N VAL B 160 17.21 21.94 6.65
CA VAL B 160 17.28 21.24 7.93
C VAL B 160 18.35 21.83 8.84
N THR B 161 18.11 21.72 10.14
CA THR B 161 19.11 22.02 11.14
C THR B 161 19.26 20.81 12.05
N GLY B 162 20.46 20.24 12.13
CA GLY B 162 20.66 19.04 12.94
C GLY B 162 20.70 19.37 14.43
N ARG B 163 19.93 18.65 15.22
CA ARG B 163 19.91 18.83 16.67
C ARG B 163 20.22 17.52 17.39
N GLY B 164 21.03 16.68 16.74
CA GLY B 164 21.48 15.44 17.33
C GLY B 164 20.96 14.23 16.56
N ARG B 165 21.49 13.06 16.89
CA ARG B 165 21.13 11.83 16.18
C ARG B 165 20.76 10.67 17.10
N THR B 166 19.82 9.85 16.67
CA THR B 166 19.63 8.53 17.28
C THR B 166 20.58 7.62 16.51
N GLU B 167 20.41 6.31 16.60
CA GLU B 167 21.38 5.43 15.94
C GLU B 167 21.15 5.26 14.44
N ASN B 168 19.90 5.44 13.99
CA ASN B 168 19.63 5.31 12.56
C ASN B 168 18.94 6.51 11.91
N SER B 169 18.65 7.54 12.70
CA SER B 169 17.91 8.68 12.17
C SER B 169 18.48 9.98 12.72
N LEU B 170 18.42 11.04 11.93
CA LEU B 170 18.95 12.33 12.36
C LEU B 170 17.82 13.24 12.80
N SER B 171 17.93 13.77 14.02
CA SER B 171 16.91 14.66 14.56
C SER B 171 17.08 16.07 13.98
N VAL B 172 16.02 16.60 13.38
CA VAL B 172 16.13 17.90 12.71
C VAL B 172 14.98 18.87 12.98
N ILE B 173 15.29 20.15 12.82
CA ILE B 173 14.28 21.18 12.69
C ILE B 173 14.13 21.48 11.20
N LEU B 174 12.96 21.17 10.64
CA LEU B 174 12.72 21.39 9.22
C LEU B 174 12.26 22.83 8.95
N TRP B 175 12.89 23.48 7.99
CA TRP B 175 12.56 24.87 7.65
C TRP B 175 11.97 25.01 6.26
N GLY B 176 10.90 25.79 6.15
CA GLY B 176 10.37 26.16 4.85
C GLY B 176 10.76 27.59 4.53
N SER B 177 11.18 27.84 3.29
CA SER B 177 11.58 29.19 2.91
C SER B 177 10.65 29.82 1.88
N LEU B 178 10.34 31.09 2.10
CA LEU B 178 9.57 31.89 1.16
C LEU B 178 10.49 32.96 0.57
N SER B 179 10.29 33.29 -0.70
CA SER B 179 11.04 34.38 -1.32
C SER B 179 10.13 35.56 -1.62
N ILE B 180 10.58 36.74 -1.19
CA ILE B 180 9.79 37.96 -1.35
C ILE B 180 10.46 38.89 -2.36
N LEU B 181 9.76 39.21 -3.44
CA LEU B 181 10.32 40.06 -4.49
C LEU B 181 10.02 41.53 -4.19
N THR B 182 11.06 42.33 -4.02
CA THR B 182 10.90 43.72 -3.59
C THR B 182 11.59 44.70 -4.53
N GLY B 183 11.17 44.73 -5.78
CA GLY B 183 11.76 45.65 -6.75
C GLY B 183 12.97 45.10 -7.46
N PRO B 184 13.28 45.66 -8.64
CA PRO B 184 14.40 45.20 -9.48
C PRO B 184 15.77 45.55 -8.91
N PHE B 185 15.84 46.63 -8.14
CA PHE B 185 17.11 47.11 -7.60
C PHE B 185 17.58 46.36 -6.36
N SER B 186 16.66 45.80 -5.58
CA SER B 186 17.03 45.06 -4.38
C SER B 186 16.92 43.56 -4.61
N PRO B 187 17.84 42.77 -4.02
CA PRO B 187 17.71 41.31 -4.12
C PRO B 187 16.53 40.80 -3.30
N ALA B 188 15.98 39.65 -3.68
CA ALA B 188 14.85 39.08 -2.97
C ALA B 188 15.22 38.77 -1.52
N THR B 189 14.24 38.90 -0.61
CA THR B 189 14.45 38.55 0.78
C THR B 189 13.81 37.19 1.11
N ILE B 190 14.49 36.41 1.95
CA ILE B 190 14.02 35.08 2.32
C ILE B 190 13.48 35.07 3.74
N LYS B 191 12.32 34.47 3.94
CA LYS B 191 11.82 34.25 5.29
C LYS B 191 11.65 32.75 5.52
N TYR B 192 12.04 32.31 6.71
CA TYR B 192 12.01 30.91 7.07
C TYR B 192 10.89 30.61 8.04
N VAL B 193 10.17 29.51 7.79
CA VAL B 193 9.12 29.06 8.69
C VAL B 193 9.50 27.73 9.32
N ASN B 194 9.32 27.63 10.63
CA ASN B 194 9.65 26.42 11.38
C ASN B 194 8.53 25.41 11.23
N ILE B 195 8.75 24.40 10.40
CA ILE B 195 7.72 23.41 10.13
C ILE B 195 7.38 22.57 11.37
N ASN B 196 8.39 22.25 12.19
CA ASN B 196 8.14 21.54 13.45
C ASN B 196 7.12 22.27 14.30
N LYS B 197 7.30 23.59 14.39
CA LYS B 197 6.47 24.44 15.21
C LYS B 197 5.07 24.58 14.63
N ALA B 198 5.00 24.64 13.30
CA ALA B 198 3.72 24.71 12.60
C ALA B 198 2.83 23.52 12.96
N LEU B 199 3.43 22.33 13.06
CA LEU B 199 2.70 21.14 13.48
C LEU B 199 2.19 21.28 14.91
N LEU B 200 3.05 21.80 15.79
CA LEU B 200 2.65 22.03 17.18
C LEU B 200 1.52 23.05 17.26
N MSE B 201 1.65 24.11 16.47
CA MSE B 201 0.66 25.18 16.48
C MSE B 201 -0.70 24.66 16.01
O MSE B 201 -1.72 24.96 16.61
CB MSE B 201 1.10 26.36 15.59
CG MSE B 201 2.25 27.21 16.15
SE MSE B 201 1.86 28.05 17.87
CE MSE B 201 2.58 26.70 19.09
N ALA B 202 -0.69 23.87 14.95
CA ALA B 202 -1.92 23.34 14.38
C ALA B 202 -2.56 22.28 15.27
N GLY B 203 -1.85 21.86 16.31
CA GLY B 203 -2.39 20.87 17.22
C GLY B 203 -2.32 19.49 16.61
N MSE B 204 -1.41 19.33 15.65
CA MSE B 204 -1.23 18.06 14.95
C MSE B 204 -0.14 17.24 15.61
O MSE B 204 0.19 16.14 15.15
CB MSE B 204 -0.88 18.31 13.48
CG MSE B 204 -2.02 18.87 12.66
SE MSE B 204 -3.49 17.61 12.46
CE MSE B 204 -4.63 18.18 13.94
N ALA B 205 0.42 17.77 16.69
CA ALA B 205 1.52 17.15 17.40
C ALA B 205 1.66 17.73 18.80
N GLU B 206 2.46 17.09 19.63
CA GLU B 206 2.73 17.58 20.97
C GLU B 206 4.23 17.65 21.26
N LYS B 207 4.62 18.51 22.19
CA LYS B 207 6.02 18.68 22.58
C LYS B 207 6.60 17.39 23.17
N ASP B 208 7.89 17.17 22.95
CA ASP B 208 8.54 15.95 23.41
C ASP B 208 8.85 16.00 24.90
N HIS B 209 9.22 17.18 25.40
CA HIS B 209 9.61 17.38 26.81
C HIS B 209 10.75 16.50 27.32
N ASN B 210 11.36 15.71 26.44
CA ASN B 210 12.54 14.94 26.80
C ASN B 210 13.77 15.62 26.20
P PO4 C . -24.01 -14.23 -2.64
O1 PO4 C . -25.02 -14.82 -1.69
O2 PO4 C . -23.87 -15.12 -3.85
O3 PO4 C . -24.48 -12.86 -3.09
O4 PO4 C . -22.67 -14.09 -1.95
#